data_4D6V
#
_entry.id   4D6V
#
_cell.length_a   81.673
_cell.length_b   81.673
_cell.length_c   135.982
_cell.angle_alpha   90.00
_cell.angle_beta   90.00
_cell.angle_gamma   90.00
#
_symmetry.space_group_name_H-M   'P 41 21 2'
#
loop_
_entity.id
_entity.type
_entity.pdbx_description
1 polymer 'G PROTEIN BETA SUBUNIT GIB2'
2 water water
#
_entity_poly.entity_id   1
_entity_poly.type   'polypeptide(L)'
_entity_poly.pdbx_seq_one_letter_code
;MAEHLMFKGNLAGHNGWVTAIATSSENPDMILTASRDKTVIAWQLTREDNLYGFPKKILHGHNHFVSDVAISSDGQFALS
SSWDHTLRLWDLNTGLTTKKFVGHTGDVLSVSFSADNRQIVSASRDRSIKLWNTLGECKFDIVEDGHTEWVSCVRFSPNP
ALPVIISAGWDKTVKVWELSNCKLKTTHHGHTGYLNTLAVSPDGSLAASGGKDGITMLWDLNEGKHLYSLDAGDVINALV
FSPNRYWLCAATASSIKIFDLESKSLVDDLQPDFDGLSDKARKPECTSLAWSADGQTLFAGFSDNLVRVWAVVV
;
_entity_poly.pdbx_strand_id   A
#
# COMPACT_ATOMS: atom_id res chain seq x y z
N ALA A 2 25.44 12.22 7.10
CA ALA A 2 25.06 11.63 5.83
C ALA A 2 23.72 10.89 5.94
N GLU A 3 22.73 11.36 5.20
CA GLU A 3 21.40 10.74 5.23
C GLU A 3 21.26 9.70 4.13
N HIS A 4 20.82 8.50 4.50
CA HIS A 4 20.64 7.42 3.55
C HIS A 4 20.13 6.16 4.24
N LEU A 5 19.30 5.39 3.53
CA LEU A 5 18.75 4.16 4.07
C LEU A 5 19.85 3.18 4.44
N MET A 6 19.82 2.69 5.68
CA MET A 6 20.82 1.75 6.16
C MET A 6 20.17 0.44 6.61
N PHE A 7 20.45 -0.63 5.88
CA PHE A 7 19.89 -1.94 6.21
C PHE A 7 20.06 -2.26 7.69
N LYS A 8 18.95 -2.53 8.35
CA LYS A 8 18.96 -2.86 9.76
C LYS A 8 18.62 -4.27 10.15
N GLY A 9 17.94 -5.01 9.30
CA GLY A 9 17.52 -6.34 9.66
C GLY A 9 16.25 -6.84 9.03
N ASN A 10 15.86 -8.05 9.38
CA ASN A 10 14.73 -8.70 8.79
C ASN A 10 13.68 -8.93 9.84
N LEU A 11 12.43 -8.99 9.43
CA LEU A 11 11.41 -9.57 10.24
C LEU A 11 10.98 -10.86 9.59
N ALA A 12 11.20 -11.96 10.27
CA ALA A 12 10.89 -13.28 9.72
C ALA A 12 9.75 -13.93 10.46
N GLY A 13 8.84 -14.56 9.71
CA GLY A 13 7.69 -15.18 10.32
C GLY A 13 6.59 -15.56 9.37
N HIS A 14 6.40 -14.79 8.30
CA HIS A 14 5.41 -15.11 7.29
C HIS A 14 5.86 -16.33 6.48
N ASN A 15 4.91 -17.02 5.84
CA ASN A 15 5.25 -18.16 5.00
C ASN A 15 4.73 -17.96 3.58
N GLY A 16 4.64 -16.70 3.17
CA GLY A 16 4.21 -16.37 1.81
C GLY A 16 4.56 -14.91 1.58
N TRP A 17 4.50 -14.48 0.32
CA TRP A 17 4.83 -13.09 -0.04
C TRP A 17 4.20 -12.11 0.94
N VAL A 18 4.97 -11.11 1.37
CA VAL A 18 4.43 -10.03 2.18
C VAL A 18 3.85 -8.99 1.20
N THR A 19 2.54 -8.86 1.22
CA THR A 19 1.80 -8.13 0.19
C THR A 19 1.43 -6.70 0.56
N ALA A 20 1.52 -6.38 1.85
CA ALA A 20 1.19 -5.04 2.30
C ALA A 20 1.74 -4.84 3.70
N ILE A 21 2.05 -3.59 4.02
CA ILE A 21 2.57 -3.21 5.32
C ILE A 21 1.88 -1.92 5.77
N ALA A 22 1.47 -1.87 7.03
CA ALA A 22 0.86 -0.67 7.57
C ALA A 22 1.54 -0.30 8.88
N THR A 23 1.51 1.00 9.16
CA THR A 23 2.29 1.62 10.21
C THR A 23 1.42 2.67 10.90
N SER A 24 1.66 2.96 12.18
CA SER A 24 0.92 4.06 12.81
C SER A 24 1.71 4.88 13.84
N SER A 25 1.33 6.13 13.95
CA SER A 25 1.94 7.03 14.92
C SER A 25 1.53 6.66 16.33
N GLU A 26 0.39 6.02 16.47
CA GLU A 26 -0.10 5.66 17.78
C GLU A 26 0.76 4.66 18.48
N ASN A 27 1.26 3.66 17.79
CA ASN A 27 2.26 2.83 18.40
C ASN A 27 3.45 2.68 17.52
N PRO A 28 4.49 3.45 17.73
CA PRO A 28 5.60 3.34 16.78
C PRO A 28 6.41 2.05 16.90
N ASP A 29 6.15 1.25 17.90
CA ASP A 29 6.89 0.01 18.03
C ASP A 29 6.19 -1.19 17.40
N MET A 30 5.17 -0.95 16.59
CA MET A 30 4.37 -2.01 15.99
C MET A 30 4.27 -1.88 14.47
N ILE A 31 4.20 -3.01 13.77
CA ILE A 31 4.04 -3.02 12.33
C ILE A 31 2.94 -4.02 12.01
N LEU A 32 2.12 -3.74 11.01
CA LEU A 32 1.21 -4.76 10.48
C LEU A 32 1.64 -5.19 9.11
N THR A 33 1.71 -6.49 8.90
CA THR A 33 2.00 -7.04 7.57
C THR A 33 0.93 -7.98 7.09
N ALA A 34 0.62 -7.90 5.81
CA ALA A 34 -0.32 -8.83 5.18
C ALA A 34 0.45 -9.82 4.31
N SER A 35 -0.09 -11.02 4.09
CA SER A 35 0.66 -12.02 3.33
C SER A 35 -0.17 -13.02 2.50
N ARG A 36 0.48 -13.58 1.49
CA ARG A 36 -0.14 -14.67 0.71
C ARG A 36 -0.31 -15.94 1.55
N ASP A 37 0.21 -15.94 2.79
CA ASP A 37 0.00 -17.10 3.66
C ASP A 37 -1.35 -17.01 4.34
N LYS A 38 -2.13 -16.02 3.91
CA LYS A 38 -3.50 -15.78 4.38
C LYS A 38 -3.57 -15.20 5.80
N THR A 39 -2.44 -14.77 6.36
CA THR A 39 -2.49 -14.11 7.68
C THR A 39 -2.09 -12.64 7.62
N VAL A 40 -2.53 -11.89 8.64
CA VAL A 40 -1.93 -10.60 9.02
C VAL A 40 -1.09 -10.82 10.27
N ILE A 41 0.11 -10.28 10.31
CA ILE A 41 0.90 -10.32 11.53
C ILE A 41 1.13 -8.92 12.15
N ALA A 42 0.93 -8.81 13.46
CA ALA A 42 1.31 -7.64 14.21
C ALA A 42 2.67 -7.90 14.81
N TRP A 43 3.66 -7.16 14.35
CA TRP A 43 5.01 -7.28 14.85
C TRP A 43 5.27 -6.32 16.02
N GLN A 44 6.03 -6.78 17.01
CA GLN A 44 6.60 -5.89 18.02
C GLN A 44 8.05 -5.60 17.65
N LEU A 45 8.39 -4.33 17.51
CA LEU A 45 9.74 -3.96 17.12
C LEU A 45 10.63 -3.81 18.36
N THR A 46 11.74 -4.54 18.37
CA THR A 46 12.69 -4.45 19.46
C THR A 46 13.89 -3.63 19.02
N ARG A 47 14.15 -3.69 17.73
CA ARG A 47 15.23 -2.97 17.09
C ARG A 47 16.57 -3.50 17.53
N GLU A 48 16.60 -4.69 18.06
CA GLU A 48 17.85 -5.29 18.46
C GLU A 48 18.55 -5.77 17.21
N ASP A 49 19.84 -6.00 17.30
CA ASP A 49 20.59 -6.43 16.14
C ASP A 49 20.26 -7.78 15.57
N ASN A 50 20.14 -8.80 16.41
CA ASN A 50 19.78 -10.12 15.91
C ASN A 50 18.36 -10.28 15.41
N LEU A 51 17.40 -9.73 16.13
CA LEU A 51 16.03 -9.69 15.68
C LEU A 51 15.69 -8.26 15.68
N TYR A 52 15.25 -7.72 14.58
CA TYR A 52 14.66 -6.40 14.58
C TYR A 52 13.34 -6.42 15.33
N GLY A 53 12.60 -7.50 15.17
CA GLY A 53 11.29 -7.62 15.74
C GLY A 53 10.83 -9.04 15.75
N PHE A 54 9.73 -9.32 16.42
CA PHE A 54 9.18 -10.67 16.42
C PHE A 54 7.68 -10.58 16.20
N PRO A 55 7.07 -11.65 15.67
CA PRO A 55 5.61 -11.59 15.51
C PRO A 55 4.96 -11.66 16.87
N LYS A 56 4.01 -10.78 17.12
CA LYS A 56 3.36 -10.69 18.43
C LYS A 56 1.99 -11.33 18.38
N LYS A 57 1.31 -11.14 17.26
CA LYS A 57 0.00 -11.73 17.03
C LYS A 57 -0.13 -12.13 15.59
N ILE A 58 -0.72 -13.32 15.37
CA ILE A 58 -0.98 -13.85 14.04
C ILE A 58 -2.48 -13.90 13.83
N LEU A 59 -3.03 -13.04 12.97
CA LEU A 59 -4.47 -12.93 12.82
C LEU A 59 -4.98 -13.88 11.73
N HIS A 60 -5.67 -14.95 12.14
CA HIS A 60 -6.14 -16.01 11.23
C HIS A 60 -7.61 -15.83 10.88
N GLY A 61 -7.98 -16.07 9.62
CA GLY A 61 -9.36 -15.93 9.24
C GLY A 61 -9.67 -15.81 7.76
N HIS A 62 -8.83 -15.13 7.00
CA HIS A 62 -9.08 -15.05 5.56
C HIS A 62 -8.87 -16.43 4.94
N ASN A 63 -9.56 -16.70 3.84
CA ASN A 63 -9.48 -18.04 3.22
C ASN A 63 -8.59 -18.07 1.98
N HIS A 64 -7.92 -16.96 1.70
CA HIS A 64 -7.07 -16.80 0.53
C HIS A 64 -6.09 -15.66 0.80
N PHE A 65 -5.25 -15.32 -0.17
CA PHE A 65 -4.23 -14.31 -0.02
C PHE A 65 -4.77 -13.04 0.65
N VAL A 66 -4.05 -12.49 1.62
CA VAL A 66 -4.39 -11.16 2.10
C VAL A 66 -3.66 -10.16 1.21
N SER A 67 -4.39 -9.20 0.66
CA SER A 67 -3.82 -8.32 -0.36
C SER A 67 -3.46 -6.88 0.12
N ASP A 68 -4.02 -6.45 1.25
CA ASP A 68 -3.78 -5.10 1.76
C ASP A 68 -4.20 -5.07 3.23
N VAL A 69 -3.62 -4.14 3.99
CA VAL A 69 -3.92 -3.98 5.40
C VAL A 69 -3.72 -2.49 5.83
N ALA A 70 -4.51 -2.05 6.80
CA ALA A 70 -4.47 -0.70 7.30
C ALA A 70 -4.70 -0.71 8.81
N ILE A 71 -4.29 0.35 9.49
CA ILE A 71 -4.50 0.50 10.94
C ILE A 71 -5.42 1.70 11.16
N SER A 72 -6.38 1.55 12.06
CA SER A 72 -7.22 2.66 12.49
C SER A 72 -6.38 3.77 13.11
N SER A 73 -6.89 4.99 13.08
CA SER A 73 -6.15 6.15 13.62
C SER A 73 -5.80 5.98 15.11
N ASP A 74 -6.68 5.33 15.88
CA ASP A 74 -6.38 5.08 17.29
C ASP A 74 -5.45 3.88 17.52
N GLY A 75 -5.02 3.25 16.43
CA GLY A 75 -4.08 2.15 16.53
C GLY A 75 -4.59 0.86 17.16
N GLN A 76 -5.90 0.73 17.33
CA GLN A 76 -6.40 -0.44 18.02
C GLN A 76 -7.10 -1.43 17.09
N PHE A 77 -7.38 -1.03 15.85
CA PHE A 77 -8.00 -1.95 14.89
C PHE A 77 -7.24 -2.07 13.58
N ALA A 78 -7.19 -3.30 13.08
CA ALA A 78 -6.62 -3.59 11.78
C ALA A 78 -7.73 -3.85 10.77
N LEU A 79 -7.49 -3.42 9.53
CA LEU A 79 -8.44 -3.58 8.46
C LEU A 79 -7.76 -4.23 7.26
N SER A 80 -8.27 -5.36 6.82
CA SER A 80 -7.61 -6.05 5.72
C SER A 80 -8.55 -6.54 4.63
N SER A 81 -7.99 -6.69 3.44
CA SER A 81 -8.76 -7.15 2.29
C SER A 81 -8.16 -8.46 1.80
N SER A 82 -8.93 -9.28 1.09
CA SER A 82 -8.44 -10.61 0.70
C SER A 82 -9.00 -11.11 -0.64
N TRP A 83 -8.22 -11.97 -1.30
CA TRP A 83 -8.70 -12.58 -2.54
C TRP A 83 -9.90 -13.49 -2.24
N ASP A 84 -10.25 -13.66 -0.96
CA ASP A 84 -11.42 -14.48 -0.61
C ASP A 84 -12.73 -13.68 -0.70
N HIS A 85 -12.67 -12.50 -1.29
CA HIS A 85 -13.81 -11.63 -1.55
C HIS A 85 -14.24 -10.69 -0.47
N THR A 86 -13.54 -10.68 0.65
CA THR A 86 -14.00 -9.98 1.83
C THR A 86 -13.00 -9.00 2.41
N LEU A 87 -13.51 -8.12 3.25
CA LEU A 87 -12.68 -7.38 4.17
C LEU A 87 -12.94 -7.88 5.58
N ARG A 88 -11.99 -7.65 6.49
CA ARG A 88 -12.15 -7.98 7.88
C ARG A 88 -11.60 -6.86 8.76
N LEU A 89 -12.33 -6.55 9.81
CA LEU A 89 -11.92 -5.57 10.80
C LEU A 89 -11.51 -6.36 12.04
N TRP A 90 -10.26 -6.23 12.48
CA TRP A 90 -9.79 -6.92 13.68
C TRP A 90 -9.55 -6.01 14.86
N ASP A 91 -9.93 -6.52 16.02
CA ASP A 91 -9.53 -5.95 17.29
C ASP A 91 -8.09 -6.39 17.60
N LEU A 92 -7.15 -5.45 17.56
CA LEU A 92 -5.75 -5.82 17.79
C LEU A 92 -5.45 -6.24 19.23
N ASN A 93 -6.35 -5.94 20.16
CA ASN A 93 -6.17 -6.37 21.54
C ASN A 93 -6.53 -7.84 21.72
N THR A 94 -7.64 -8.24 21.10
CA THR A 94 -8.12 -9.62 21.23
C THR A 94 -7.61 -10.52 20.10
N GLY A 95 -7.19 -9.90 19.00
CA GLY A 95 -6.74 -10.66 17.84
C GLY A 95 -7.86 -11.34 17.07
N LEU A 96 -9.10 -10.95 17.33
CA LEU A 96 -10.24 -11.53 16.64
C LEU A 96 -10.90 -10.55 15.66
N THR A 97 -11.58 -11.09 14.66
CA THR A 97 -12.36 -10.30 13.72
C THR A 97 -13.62 -9.81 14.40
N THR A 98 -13.92 -8.53 14.24
CA THR A 98 -15.15 -7.96 14.79
C THR A 98 -16.22 -7.79 13.73
N LYS A 99 -15.81 -7.64 12.47
CA LYS A 99 -16.78 -7.42 11.40
C LYS A 99 -16.22 -7.91 10.07
N LYS A 100 -17.08 -8.57 9.30
CA LYS A 100 -16.73 -9.01 7.95
C LYS A 100 -17.47 -8.18 6.94
N PHE A 101 -16.79 -7.75 5.90
CA PHE A 101 -17.44 -6.95 4.91
C PHE A 101 -17.65 -7.78 3.68
N VAL A 102 -18.90 -8.09 3.41
CA VAL A 102 -19.25 -8.98 2.36
C VAL A 102 -20.03 -8.25 1.32
N GLY A 103 -19.85 -8.60 0.07
CA GLY A 103 -20.43 -7.85 -0.99
C GLY A 103 -19.69 -7.85 -2.29
N HIS A 104 -18.37 -7.87 -2.26
CA HIS A 104 -17.62 -7.93 -3.48
C HIS A 104 -17.85 -9.27 -4.09
N THR A 105 -17.73 -9.37 -5.40
CA THR A 105 -17.96 -10.65 -6.07
C THR A 105 -16.70 -11.12 -6.78
N GLY A 106 -15.57 -10.50 -6.47
CA GLY A 106 -14.29 -10.91 -7.01
C GLY A 106 -13.22 -10.63 -5.97
N ASP A 107 -11.98 -11.01 -6.26
CA ASP A 107 -10.87 -10.80 -5.36
C ASP A 107 -10.79 -9.32 -4.95
N VAL A 108 -10.70 -9.02 -3.66
CA VAL A 108 -10.43 -7.63 -3.23
C VAL A 108 -8.93 -7.37 -3.25
N LEU A 109 -8.50 -6.35 -3.98
CA LEU A 109 -7.07 -6.05 -4.15
C LEU A 109 -6.57 -4.88 -3.30
N SER A 110 -7.48 -4.10 -2.74
CA SER A 110 -7.10 -2.89 -2.01
C SER A 110 -8.16 -2.47 -0.97
N VAL A 111 -7.71 -1.92 0.16
CA VAL A 111 -8.63 -1.36 1.13
C VAL A 111 -7.98 -0.19 1.90
N SER A 112 -8.80 0.77 2.33
CA SER A 112 -8.28 1.93 3.05
C SER A 112 -9.32 2.66 3.93
N PHE A 113 -8.82 3.20 5.03
CA PHE A 113 -9.58 4.02 5.97
C PHE A 113 -9.60 5.48 5.52
N SER A 114 -10.73 6.15 5.68
CA SER A 114 -10.73 7.63 5.63
C SER A 114 -9.94 8.21 6.82
N ALA A 115 -9.48 9.44 6.67
CA ALA A 115 -8.76 10.14 7.74
C ALA A 115 -9.50 10.01 9.07
N ASP A 116 -10.81 10.25 9.04
CA ASP A 116 -11.60 10.23 10.26
C ASP A 116 -12.08 8.83 10.64
N ASN A 117 -11.73 7.84 9.83
CA ASN A 117 -12.07 6.44 10.07
C ASN A 117 -13.56 6.14 10.15
N ARG A 118 -14.40 6.98 9.53
CA ARG A 118 -15.84 6.68 9.53
C ARG A 118 -16.21 5.99 8.22
N GLN A 119 -15.33 6.13 7.24
CA GLN A 119 -15.54 5.57 5.92
C GLN A 119 -14.44 4.55 5.59
N ILE A 120 -14.82 3.50 4.86
CA ILE A 120 -13.88 2.51 4.35
C ILE A 120 -14.08 2.32 2.85
N VAL A 121 -12.99 2.31 2.09
CA VAL A 121 -13.07 2.15 0.64
C VAL A 121 -12.26 0.92 0.20
N SER A 122 -12.76 0.20 -0.80
CA SER A 122 -12.05 -0.95 -1.35
C SER A 122 -12.25 -1.16 -2.85
N ALA A 123 -11.29 -1.84 -3.46
CA ALA A 123 -11.29 -2.06 -4.90
C ALA A 123 -11.15 -3.56 -5.13
N SER A 124 -11.80 -4.07 -6.18
CA SER A 124 -11.87 -5.53 -6.43
C SER A 124 -11.74 -5.93 -7.89
N ARG A 125 -11.48 -7.22 -8.12
CA ARG A 125 -11.42 -7.77 -9.48
C ARG A 125 -12.77 -7.65 -10.16
N ASP A 126 -13.82 -7.49 -9.36
CA ASP A 126 -15.19 -7.36 -9.87
C ASP A 126 -15.44 -5.98 -10.49
N ARG A 127 -14.36 -5.22 -10.64
CA ARG A 127 -14.36 -3.92 -11.34
C ARG A 127 -15.06 -2.80 -10.60
N SER A 128 -15.51 -3.04 -9.38
CA SER A 128 -16.14 -1.98 -8.60
C SER A 128 -15.22 -1.37 -7.54
N ILE A 129 -15.61 -0.19 -7.06
CA ILE A 129 -15.08 0.42 -5.86
C ILE A 129 -16.26 0.51 -4.91
N LYS A 130 -16.10 0.07 -3.67
CA LYS A 130 -17.21 0.17 -2.73
C LYS A 130 -16.86 1.02 -1.51
N LEU A 131 -17.85 1.72 -0.98
CA LEU A 131 -17.71 2.46 0.28
C LEU A 131 -18.54 1.79 1.38
N TRP A 132 -17.93 1.54 2.53
CA TRP A 132 -18.65 0.98 3.68
C TRP A 132 -18.67 1.94 4.85
N ASN A 133 -19.51 1.64 5.82
CA ASN A 133 -19.33 2.21 7.15
C ASN A 133 -18.55 1.22 8.00
N THR A 134 -18.33 1.58 9.26
CA THR A 134 -17.51 0.76 10.13
C THR A 134 -18.28 -0.40 10.72
N LEU A 135 -19.54 -0.57 10.32
CA LEU A 135 -20.34 -1.68 10.84
C LEU A 135 -20.38 -2.82 9.83
N GLY A 136 -19.76 -2.61 8.67
CA GLY A 136 -19.68 -3.64 7.66
C GLY A 136 -20.79 -3.57 6.62
N GLU A 137 -21.38 -2.40 6.49
CA GLU A 137 -22.48 -2.19 5.55
C GLU A 137 -21.99 -1.44 4.33
N CYS A 138 -22.24 -1.95 3.14
CA CYS A 138 -21.82 -1.27 1.94
C CYS A 138 -22.73 -0.11 1.72
N LYS A 139 -22.19 1.07 1.52
CA LYS A 139 -23.01 2.24 1.39
C LYS A 139 -23.08 2.83 0.00
N PHE A 140 -22.11 2.52 -0.84
CA PHE A 140 -22.19 2.89 -2.21
C PHE A 140 -21.36 1.98 -3.07
N ASP A 141 -21.81 1.77 -4.29
CA ASP A 141 -21.12 0.91 -5.22
C ASP A 141 -20.73 1.82 -6.31
N ILE A 142 -19.45 2.04 -6.53
CA ILE A 142 -19.04 3.00 -7.54
C ILE A 142 -18.69 2.25 -8.78
N VAL A 143 -19.60 2.27 -9.75
CA VAL A 143 -19.38 1.61 -11.00
C VAL A 143 -19.50 2.55 -12.18
N GLU A 144 -20.27 3.62 -12.03
CA GLU A 144 -20.59 4.43 -13.20
C GLU A 144 -19.35 5.04 -13.77
N ASP A 145 -19.16 4.84 -15.05
CA ASP A 145 -18.02 5.37 -15.74
C ASP A 145 -16.78 4.87 -15.02
N GLY A 146 -16.90 3.71 -14.42
CA GLY A 146 -15.88 3.16 -13.58
C GLY A 146 -14.82 2.51 -14.43
N HIS A 147 -13.87 1.85 -13.80
CA HIS A 147 -12.85 1.10 -14.53
C HIS A 147 -13.53 -0.06 -15.29
N THR A 148 -12.96 -0.43 -16.43
CA THR A 148 -13.53 -1.47 -17.27
C THR A 148 -12.77 -2.77 -17.09
N GLU A 149 -11.75 -2.71 -16.24
CA GLU A 149 -11.01 -3.89 -15.83
C GLU A 149 -10.86 -3.91 -14.32
N TRP A 150 -10.06 -4.85 -13.84
CA TRP A 150 -9.77 -4.94 -12.41
C TRP A 150 -9.37 -3.59 -11.84
N VAL A 151 -9.84 -3.27 -10.65
CA VAL A 151 -9.33 -2.09 -9.95
C VAL A 151 -8.32 -2.55 -8.93
N SER A 152 -7.07 -2.11 -9.09
CA SER A 152 -5.98 -2.66 -8.31
C SER A 152 -5.66 -1.89 -7.03
N CYS A 153 -5.91 -0.59 -6.99
CA CYS A 153 -5.58 0.22 -5.81
C CYS A 153 -6.54 1.41 -5.67
N VAL A 154 -6.98 1.67 -4.45
CA VAL A 154 -7.82 2.85 -4.18
C VAL A 154 -7.41 3.54 -2.84
N ARG A 155 -7.35 4.88 -2.84
CA ARG A 155 -6.92 5.65 -1.66
C ARG A 155 -7.73 6.94 -1.47
N PHE A 156 -7.77 7.44 -0.23
CA PHE A 156 -8.34 8.78 0.04
C PHE A 156 -7.28 9.86 -0.11
N SER A 157 -7.71 11.03 -0.57
CA SER A 157 -6.89 12.24 -0.46
C SER A 157 -7.08 12.83 0.93
N PRO A 158 -5.99 13.20 1.60
CA PRO A 158 -6.09 13.83 2.93
C PRO A 158 -6.36 15.33 2.86
N ASN A 159 -6.50 15.85 1.64
CA ASN A 159 -6.80 17.27 1.46
C ASN A 159 -8.24 17.61 1.86
N PRO A 160 -8.40 18.43 2.91
CA PRO A 160 -9.74 18.73 3.47
C PRO A 160 -10.63 19.49 2.49
N ALA A 161 -10.01 20.21 1.55
CA ALA A 161 -10.75 21.08 0.64
C ALA A 161 -11.33 20.33 -0.54
N LEU A 162 -10.61 19.33 -1.03
CA LEU A 162 -11.11 18.47 -2.11
C LEU A 162 -11.21 17.00 -1.65
N PRO A 163 -12.33 16.65 -1.02
CA PRO A 163 -12.49 15.25 -0.58
C PRO A 163 -12.75 14.33 -1.78
N VAL A 164 -11.73 13.59 -2.17
CA VAL A 164 -11.85 12.66 -3.30
C VAL A 164 -11.31 11.29 -2.93
N ILE A 165 -11.63 10.27 -3.71
CA ILE A 165 -10.84 9.05 -3.65
C ILE A 165 -10.18 8.91 -5.00
N ILE A 166 -8.99 8.30 -5.01
CA ILE A 166 -8.25 8.03 -6.24
C ILE A 166 -8.19 6.52 -6.46
N SER A 167 -8.35 6.09 -7.70
CA SER A 167 -8.26 4.66 -8.01
C SER A 167 -7.42 4.43 -9.25
N ALA A 168 -6.74 3.29 -9.28
CA ALA A 168 -5.96 2.89 -10.44
C ALA A 168 -6.40 1.50 -10.86
N GLY A 169 -6.32 1.20 -12.16
CA GLY A 169 -6.82 -0.08 -12.63
C GLY A 169 -6.03 -0.72 -13.74
N TRP A 170 -6.51 -1.90 -14.13
CA TRP A 170 -5.88 -2.65 -15.20
C TRP A 170 -6.30 -2.12 -16.57
N ASP A 171 -7.27 -1.22 -16.60
CA ASP A 171 -7.57 -0.48 -17.83
C ASP A 171 -6.55 0.62 -18.11
N LYS A 172 -5.43 0.60 -17.38
CA LYS A 172 -4.33 1.55 -17.56
C LYS A 172 -4.66 3.01 -17.17
N THR A 173 -5.82 3.26 -16.55
CA THR A 173 -6.13 4.64 -16.19
C THR A 173 -6.07 4.91 -14.67
N VAL A 174 -6.05 6.19 -14.33
CA VAL A 174 -6.11 6.67 -12.95
C VAL A 174 -7.35 7.53 -12.86
N LYS A 175 -8.23 7.24 -11.90
CA LYS A 175 -9.47 7.97 -11.81
C LYS A 175 -9.65 8.69 -10.46
N VAL A 176 -10.22 9.89 -10.52
CA VAL A 176 -10.47 10.69 -9.33
C VAL A 176 -11.97 10.82 -9.15
N TRP A 177 -12.45 10.46 -7.97
CA TRP A 177 -13.87 10.46 -7.67
C TRP A 177 -14.20 11.47 -6.59
N GLU A 178 -15.20 12.32 -6.81
CA GLU A 178 -15.62 13.26 -5.77
C GLU A 178 -16.42 12.52 -4.71
N LEU A 179 -16.01 12.67 -3.46
CA LEU A 179 -16.54 11.87 -2.37
C LEU A 179 -17.99 12.20 -2.03
N SER A 180 -18.37 13.47 -2.17
CA SER A 180 -19.72 13.92 -1.81
C SER A 180 -20.82 13.12 -2.54
N ASN A 181 -20.68 12.99 -3.85
CA ASN A 181 -21.70 12.32 -4.61
C ASN A 181 -21.22 11.08 -5.27
N CYS A 182 -19.95 10.76 -5.10
CA CYS A 182 -19.42 9.56 -5.68
C CYS A 182 -19.42 9.56 -7.18
N LYS A 183 -19.31 10.71 -7.81
CA LYS A 183 -19.30 10.77 -9.25
C LYS A 183 -17.89 10.97 -9.72
N LEU A 184 -17.58 10.42 -10.86
CA LEU A 184 -16.26 10.58 -11.47
C LEU A 184 -15.94 12.05 -11.72
N LYS A 185 -14.72 12.44 -11.36
CA LYS A 185 -14.26 13.81 -11.53
C LYS A 185 -13.26 13.93 -12.67
N THR A 186 -12.34 12.96 -12.73
CA THR A 186 -11.22 13.02 -13.67
C THR A 186 -10.80 11.61 -14.05
N THR A 187 -10.45 11.40 -15.32
CA THR A 187 -9.82 10.17 -15.77
C THR A 187 -8.47 10.52 -16.39
N HIS A 188 -7.40 9.95 -15.88
CA HIS A 188 -6.12 10.28 -16.39
C HIS A 188 -5.56 9.18 -17.22
N HIS A 189 -5.21 9.50 -18.45
CA HIS A 189 -4.71 8.55 -19.40
C HIS A 189 -3.27 8.83 -19.55
N GLY A 190 -2.50 7.87 -20.02
CA GLY A 190 -1.08 8.08 -20.17
C GLY A 190 -0.24 6.88 -19.96
N HIS A 191 -0.64 6.02 -19.05
CA HIS A 191 0.09 4.80 -18.84
C HIS A 191 -0.10 3.89 -20.00
N THR A 192 0.97 3.21 -20.40
CA THR A 192 0.89 2.24 -21.48
C THR A 192 0.63 0.80 -21.05
N GLY A 193 0.74 0.52 -19.77
CA GLY A 193 0.43 -0.78 -19.22
C GLY A 193 -0.52 -0.73 -18.02
N TYR A 194 -0.92 -1.91 -17.53
CA TYR A 194 -1.79 -1.99 -16.37
C TYR A 194 -1.09 -1.42 -15.15
N LEU A 195 -1.90 -1.06 -14.15
CA LEU A 195 -1.40 -0.44 -12.93
C LEU A 195 -1.60 -1.32 -11.71
N ASN A 196 -0.55 -1.43 -10.90
CA ASN A 196 -0.58 -2.18 -9.64
C ASN A 196 -0.87 -1.35 -8.39
N THR A 197 -0.52 -0.06 -8.43
CA THR A 197 -0.41 0.69 -7.20
C THR A 197 -0.51 2.20 -7.39
N LEU A 198 -0.71 2.88 -6.28
CA LEU A 198 -1.05 4.28 -6.26
C LEU A 198 -0.77 4.81 -4.88
N ALA A 199 -0.21 6.01 -4.77
CA ALA A 199 0.01 6.66 -3.48
C ALA A 199 -0.33 8.16 -3.56
N VAL A 200 -0.70 8.71 -2.42
CA VAL A 200 -1.13 10.10 -2.32
C VAL A 200 -0.22 10.87 -1.35
N SER A 201 0.22 12.04 -1.79
CA SER A 201 1.02 12.99 -1.00
C SER A 201 0.44 13.25 0.39
N PRO A 202 1.30 13.45 1.42
CA PRO A 202 0.67 13.80 2.71
C PRO A 202 -0.10 15.13 2.69
N ASP A 203 0.20 16.03 1.75
CA ASP A 203 -0.62 17.25 1.64
C ASP A 203 -1.74 17.12 0.59
N GLY A 204 -1.88 15.93 -0.02
CA GLY A 204 -2.96 15.68 -0.96
C GLY A 204 -2.89 16.44 -2.27
N SER A 205 -1.73 17.01 -2.57
CA SER A 205 -1.51 17.66 -3.86
C SER A 205 -1.07 16.70 -4.97
N LEU A 206 -0.35 15.64 -4.62
CA LEU A 206 0.22 14.72 -5.62
C LEU A 206 -0.34 13.31 -5.47
N ALA A 207 -0.54 12.66 -6.61
CA ALA A 207 -0.85 11.25 -6.70
C ALA A 207 0.21 10.60 -7.59
N ALA A 208 0.79 9.48 -7.15
CA ALA A 208 1.74 8.75 -7.98
C ALA A 208 1.15 7.38 -8.34
N SER A 209 1.27 7.00 -9.61
CA SER A 209 0.73 5.72 -10.08
C SER A 209 1.80 4.92 -10.78
N GLY A 210 1.73 3.61 -10.67
CA GLY A 210 2.74 2.73 -11.18
C GLY A 210 2.26 1.34 -11.48
N GLY A 211 3.01 0.64 -12.31
CA GLY A 211 2.59 -0.63 -12.85
C GLY A 211 3.52 -1.27 -13.85
N LYS A 212 2.93 -1.90 -14.84
CA LYS A 212 3.64 -2.73 -15.80
C LYS A 212 4.67 -1.99 -16.62
N ASP A 213 4.36 -0.80 -17.12
CA ASP A 213 5.36 0.03 -17.72
C ASP A 213 6.26 0.50 -16.60
N GLY A 214 7.53 0.68 -16.85
CA GLY A 214 8.36 0.98 -15.68
C GLY A 214 8.21 2.40 -15.14
N ILE A 215 7.15 3.09 -15.53
CA ILE A 215 7.05 4.55 -15.36
C ILE A 215 6.09 4.97 -14.27
N THR A 216 6.61 5.65 -13.25
CA THR A 216 5.70 6.21 -12.25
C THR A 216 5.32 7.66 -12.63
N MET A 217 4.02 7.89 -12.80
CA MET A 217 3.53 9.17 -13.26
C MET A 217 2.95 9.98 -12.09
N LEU A 218 3.28 11.26 -12.03
CA LEU A 218 2.74 12.11 -10.97
C LEU A 218 1.64 13.02 -11.50
N TRP A 219 0.53 13.02 -10.79
CA TRP A 219 -0.63 13.78 -11.20
C TRP A 219 -0.96 14.86 -10.16
N ASP A 220 -1.33 16.05 -10.64
CA ASP A 220 -1.72 17.15 -9.77
C ASP A 220 -3.18 17.02 -9.37
N LEU A 221 -3.43 16.76 -8.09
CA LEU A 221 -4.79 16.58 -7.59
C LEU A 221 -5.56 17.89 -7.45
N ASN A 222 -4.87 19.00 -7.26
CA ASN A 222 -5.50 20.30 -7.32
C ASN A 222 -5.87 20.79 -8.68
N GLU A 223 -4.90 20.75 -9.56
CA GLU A 223 -5.12 21.17 -10.90
C GLU A 223 -5.53 20.01 -11.76
N GLY A 224 -5.59 20.25 -13.03
CA GLY A 224 -5.97 19.22 -13.96
C GLY A 224 -5.20 17.94 -14.18
N LYS A 225 -3.87 17.95 -14.25
CA LYS A 225 -3.18 16.92 -15.00
C LYS A 225 -1.79 16.47 -14.61
N HIS A 226 -1.16 15.81 -15.54
CA HIS A 226 0.12 15.20 -15.38
C HIS A 226 1.12 16.24 -15.09
N LEU A 227 2.04 15.95 -14.21
CA LEU A 227 3.08 16.89 -13.86
C LEU A 227 4.41 16.46 -14.41
N TYR A 228 4.78 15.24 -14.14
CA TYR A 228 6.01 14.67 -14.68
C TYR A 228 6.01 13.20 -14.43
N SER A 229 6.96 12.50 -15.02
CA SER A 229 7.05 11.07 -14.87
C SER A 229 8.43 10.70 -14.44
N LEU A 230 8.56 9.66 -13.64
CA LEU A 230 9.86 9.18 -13.21
C LEU A 230 10.00 7.75 -13.69
N ASP A 231 11.14 7.44 -14.31
CA ASP A 231 11.34 6.11 -14.87
C ASP A 231 11.96 5.17 -13.84
N ALA A 232 11.14 4.34 -13.21
CA ALA A 232 11.67 3.26 -12.38
C ALA A 232 12.17 2.21 -13.35
N GLY A 233 13.05 1.32 -12.92
CA GLY A 233 13.66 0.43 -13.92
C GLY A 233 12.84 -0.73 -14.46
N ASP A 234 11.65 -0.96 -13.91
CA ASP A 234 10.99 -2.24 -14.07
C ASP A 234 9.54 -2.15 -13.59
N VAL A 235 8.80 -3.25 -13.76
CA VAL A 235 7.42 -3.34 -13.29
C VAL A 235 7.31 -2.81 -11.86
N ILE A 236 6.36 -1.92 -11.62
CA ILE A 236 6.24 -1.32 -10.29
C ILE A 236 5.20 -2.07 -9.44
N ASN A 237 5.66 -2.59 -8.31
CA ASN A 237 4.83 -3.35 -7.38
C ASN A 237 4.16 -2.47 -6.29
N ALA A 238 4.87 -1.46 -5.83
CA ALA A 238 4.36 -0.62 -4.74
C ALA A 238 4.96 0.79 -4.78
N LEU A 239 4.14 1.77 -4.38
CA LEU A 239 4.57 3.17 -4.30
C LEU A 239 4.18 3.75 -2.97
N VAL A 240 5.05 4.55 -2.37
CA VAL A 240 4.69 5.24 -1.14
C VAL A 240 5.48 6.57 -0.97
N PHE A 241 4.81 7.64 -0.55
CA PHE A 241 5.51 8.90 -0.24
C PHE A 241 6.04 8.85 1.18
N SER A 242 7.23 9.39 1.38
CA SER A 242 7.71 9.56 2.74
C SER A 242 6.79 10.58 3.39
N PRO A 243 6.53 10.40 4.69
CA PRO A 243 5.69 11.33 5.46
C PRO A 243 6.42 12.62 5.85
N ASN A 244 7.74 12.59 5.95
CA ASN A 244 8.47 13.75 6.44
C ASN A 244 9.60 14.23 5.52
N ARG A 245 9.73 13.60 4.34
CA ARG A 245 10.61 14.12 3.30
C ARG A 245 9.92 14.18 1.94
N TYR A 246 10.41 15.00 1.05
CA TYR A 246 9.85 15.09 -0.27
C TYR A 246 10.43 13.98 -1.15
N TRP A 247 10.10 12.75 -0.81
CA TRP A 247 10.63 11.59 -1.43
C TRP A 247 9.49 10.72 -1.83
N LEU A 248 9.68 9.95 -2.89
CA LEU A 248 8.73 8.97 -3.37
C LEU A 248 9.47 7.65 -3.63
N CYS A 249 9.02 6.58 -3.02
CA CYS A 249 9.70 5.31 -3.16
C CYS A 249 8.91 4.34 -4.04
N ALA A 250 9.61 3.68 -4.95
CA ALA A 250 8.96 2.75 -5.86
C ALA A 250 9.60 1.38 -5.77
N ALA A 251 8.84 0.42 -5.27
CA ALA A 251 9.29 -0.95 -5.25
C ALA A 251 9.00 -1.59 -6.61
N THR A 252 10.04 -2.03 -7.28
CA THR A 252 9.93 -2.72 -8.55
C THR A 252 10.37 -4.14 -8.44
N ALA A 253 10.28 -4.86 -9.53
CA ALA A 253 10.66 -6.25 -9.58
C ALA A 253 12.12 -6.40 -9.30
N SER A 254 12.90 -5.40 -9.63
CA SER A 254 14.36 -5.49 -9.59
C SER A 254 14.98 -4.75 -8.41
N SER A 255 14.30 -3.72 -7.92
CA SER A 255 14.87 -2.94 -6.83
C SER A 255 13.87 -2.01 -6.16
N ILE A 256 14.32 -1.39 -5.07
CA ILE A 256 13.56 -0.31 -4.46
C ILE A 256 14.25 1.01 -4.77
N LYS A 257 13.61 1.82 -5.60
CA LYS A 257 14.14 3.13 -5.93
C LYS A 257 13.49 4.22 -5.07
N ILE A 258 14.32 5.10 -4.52
CA ILE A 258 13.85 6.23 -3.74
C ILE A 258 14.14 7.52 -4.50
N PHE A 259 13.09 8.22 -4.90
CA PHE A 259 13.22 9.38 -5.75
C PHE A 259 13.16 10.69 -4.96
N ASP A 260 14.08 11.59 -5.15
CA ASP A 260 13.92 12.89 -4.53
C ASP A 260 13.14 13.73 -5.48
N LEU A 261 11.96 14.12 -5.04
CA LEU A 261 11.03 14.91 -5.81
C LEU A 261 11.49 16.32 -6.11
N GLU A 262 12.31 16.89 -5.25
CA GLU A 262 12.82 18.22 -5.50
C GLU A 262 13.71 18.26 -6.73
N SER A 263 14.56 17.27 -6.88
CA SER A 263 15.43 17.20 -8.03
C SER A 263 15.09 16.21 -9.12
N LYS A 264 14.24 15.25 -8.86
CA LYS A 264 13.85 14.27 -9.88
C LYS A 264 14.96 13.26 -10.04
N SER A 265 15.95 13.48 -9.22
CA SER A 265 17.12 12.67 -8.93
C SER A 265 16.88 11.48 -7.99
N LEU A 266 17.77 10.48 -8.10
CA LEU A 266 17.66 9.24 -7.35
C LEU A 266 18.44 9.29 -6.04
N VAL A 267 17.75 9.15 -4.92
CA VAL A 267 18.39 9.20 -3.61
C VAL A 267 19.11 7.90 -3.30
N ASP A 268 18.48 6.78 -3.66
CA ASP A 268 19.04 5.48 -3.36
C ASP A 268 18.36 4.41 -4.19
N ASP A 269 19.06 3.29 -4.32
CA ASP A 269 18.59 2.14 -5.07
C ASP A 269 18.86 0.93 -4.20
N LEU A 270 17.86 0.50 -3.45
CA LEU A 270 18.06 -0.57 -2.50
C LEU A 270 17.98 -1.92 -3.22
N GLN A 271 19.05 -2.69 -3.11
CA GLN A 271 19.07 -4.07 -3.62
C GLN A 271 19.73 -4.96 -2.58
N PRO A 272 18.92 -5.60 -1.78
CA PRO A 272 19.37 -6.38 -0.64
C PRO A 272 20.20 -7.58 -1.02
N ASP A 273 21.11 -7.97 -0.14
CA ASP A 273 21.89 -9.15 -0.36
C ASP A 273 20.92 -10.24 -0.03
N PHE A 274 20.65 -11.11 -0.99
CA PHE A 274 19.72 -12.21 -0.79
C PHE A 274 20.43 -13.42 -0.19
N ASP A 275 20.14 -13.69 1.08
CA ASP A 275 20.74 -14.82 1.78
C ASP A 275 20.31 -16.14 1.18
N GLY A 276 20.95 -16.53 0.07
CA GLY A 276 20.62 -17.78 -0.60
C GLY A 276 21.65 -18.15 -1.65
N LEU A 277 21.40 -17.75 -2.89
CA LEU A 277 22.31 -18.05 -3.99
C LEU A 277 21.80 -17.48 -5.30
N SER A 278 22.56 -17.68 -6.38
CA SER A 278 22.19 -17.18 -7.69
C SER A 278 22.21 -18.31 -8.72
N ASP A 279 21.66 -19.45 -8.36
CA ASP A 279 21.61 -20.60 -9.26
C ASP A 279 20.20 -20.86 -9.76
N LYS A 280 19.97 -20.58 -11.04
CA LYS A 280 18.65 -20.78 -11.64
C LYS A 280 17.54 -20.30 -10.71
N ALA A 281 17.70 -19.11 -10.17
CA ALA A 281 16.71 -18.53 -9.26
C ALA A 281 16.58 -17.03 -9.46
N ARG A 282 15.35 -16.56 -9.65
CA ARG A 282 15.09 -15.14 -9.86
C ARG A 282 15.09 -14.39 -8.53
N LYS A 283 15.89 -13.33 -8.46
CA LYS A 283 15.98 -12.51 -7.25
C LYS A 283 14.60 -12.10 -6.76
N PRO A 284 14.29 -12.43 -5.51
CA PRO A 284 12.98 -12.08 -4.91
C PRO A 284 12.58 -10.63 -5.15
N GLU A 285 11.32 -10.39 -5.50
CA GLU A 285 10.81 -9.05 -5.73
C GLU A 285 10.32 -8.41 -4.43
N CYS A 286 10.56 -7.12 -4.28
CA CYS A 286 9.88 -6.33 -3.26
C CYS A 286 8.43 -6.15 -3.67
N THR A 287 7.51 -6.59 -2.83
CA THR A 287 6.09 -6.58 -3.18
C THR A 287 5.31 -5.56 -2.33
N SER A 288 5.96 -4.94 -1.36
CA SER A 288 5.27 -3.95 -0.53
C SER A 288 6.21 -3.00 0.19
N LEU A 289 5.69 -1.82 0.51
CA LEU A 289 6.46 -0.78 1.17
C LEU A 289 5.64 0.00 2.19
N ALA A 290 6.28 0.36 3.30
CA ALA A 290 5.71 1.35 4.21
C ALA A 290 6.80 2.08 4.98
N TRP A 291 6.60 3.38 5.20
CA TRP A 291 7.42 4.14 6.12
C TRP A 291 6.84 4.06 7.52
N SER A 292 7.68 4.13 8.54
CA SER A 292 7.20 4.43 9.89
C SER A 292 6.50 5.80 9.87
N ALA A 293 5.57 6.04 10.79
CA ALA A 293 4.87 7.32 10.89
C ALA A 293 5.82 8.53 10.90
N ASP A 294 6.97 8.40 11.55
CA ASP A 294 7.92 9.53 11.63
C ASP A 294 8.94 9.54 10.49
N GLY A 295 8.85 8.60 9.54
CA GLY A 295 9.67 8.67 8.36
C GLY A 295 11.13 8.30 8.52
N GLN A 296 11.51 7.75 9.67
CA GLN A 296 12.90 7.33 9.89
C GLN A 296 13.16 5.88 9.50
N THR A 297 12.11 5.08 9.34
CA THR A 297 12.32 3.67 9.08
C THR A 297 11.51 3.24 7.86
N LEU A 298 12.17 2.58 6.92
CA LEU A 298 11.48 2.02 5.76
C LEU A 298 11.31 0.50 5.91
N PHE A 299 10.07 0.02 5.83
CA PHE A 299 9.83 -1.43 5.83
C PHE A 299 9.46 -1.89 4.41
N ALA A 300 10.05 -3.02 3.98
CA ALA A 300 9.83 -3.54 2.63
C ALA A 300 9.56 -5.03 2.70
N GLY A 301 8.42 -5.46 2.13
CA GLY A 301 8.05 -6.86 2.13
C GLY A 301 8.50 -7.47 0.82
N PHE A 302 8.81 -8.77 0.83
CA PHE A 302 9.40 -9.44 -0.32
C PHE A 302 8.76 -10.79 -0.67
N SER A 303 8.97 -11.23 -1.91
CA SER A 303 8.44 -12.50 -2.38
C SER A 303 9.15 -13.70 -1.76
N ASP A 304 10.20 -13.47 -0.96
CA ASP A 304 10.80 -14.58 -0.19
C ASP A 304 10.28 -14.64 1.24
N ASN A 305 9.16 -13.99 1.48
CA ASN A 305 8.40 -14.07 2.71
C ASN A 305 8.91 -13.19 3.82
N LEU A 306 9.99 -12.49 3.58
CA LEU A 306 10.59 -11.61 4.61
C LEU A 306 10.17 -10.16 4.53
N VAL A 307 10.22 -9.47 5.67
CA VAL A 307 10.23 -8.02 5.70
C VAL A 307 11.67 -7.55 5.92
N ARG A 308 12.13 -6.60 5.13
CA ARG A 308 13.45 -6.04 5.36
C ARG A 308 13.38 -4.58 5.80
N VAL A 309 14.25 -4.20 6.72
CA VAL A 309 14.17 -2.91 7.38
C VAL A 309 15.40 -2.06 7.09
N TRP A 310 15.16 -0.80 6.71
CA TRP A 310 16.20 0.21 6.53
C TRP A 310 15.93 1.41 7.42
N ALA A 311 16.99 1.97 8.01
CA ALA A 311 16.87 3.12 8.89
C ALA A 311 17.62 4.33 8.33
N VAL A 312 16.89 5.42 8.10
CA VAL A 312 17.48 6.63 7.57
C VAL A 312 18.62 7.13 8.45
N VAL A 313 19.83 7.13 7.90
CA VAL A 313 21.01 7.58 8.65
C VAL A 313 21.54 8.89 8.10
N VAL A 314 22.28 9.62 8.93
CA VAL A 314 22.85 10.90 8.52
C VAL A 314 24.24 11.11 9.13
#